data_5AJQ
#
_entry.id   5AJQ
#
_cell.length_a   41.190
_cell.length_b   108.100
_cell.length_c   144.270
_cell.angle_alpha   90.00
_cell.angle_beta   90.00
_cell.angle_gamma   90.00
#
_symmetry.space_group_name_H-M   'P 2 21 21'
#
loop_
_entity.id
_entity.type
_entity.pdbx_description
1 polymer 'SERINE/THREONINE-PROTEIN KINASE 10'
2 non-polymer 4-[(2,4-dichloro-5-methoxyphenyl)amino]-6-methoxy-7-[3-(4-methylpiperazin-1-yl)propoxy]quinoline-3-carbonitrile
3 non-polymer 'CHLORIDE ION'
4 non-polymer 1,2-ETHANEDIOL
5 water water
#
_entity_poly.entity_id   1
_entity_poly.type   'polypeptide(L)'
_entity_poly.pdbx_seq_one_letter_code
;SMREYEHVRRDLDPNEVWEIVGELGDGAFGKVYKAKNKETGALAAAKVIETKSEEELEDYIVEIEILATCDHPYIVKLLG
AYYHDGKLWIMIEFCPGGAVDAIMLELDRGLTEPQIQVVCRQMLEALNFLHSKRIIHRDLKAGNVLMTLEGDIRLADFGV
SAKNLKTLQKRDSFIGTPYWMAPEVVMCETMKDTPYDYKADIWSLGITLIEMAQIEPPHHELNPMRVLLKIAKSDPPTLL
TPSKWSVEFRDFLKIALDKNPETRPSAAQLLEHPFVSSITSNKALRELVAEAKAE
;
_entity_poly.pdbx_strand_id   A,B
#
loop_
_chem_comp.id
_chem_comp.type
_chem_comp.name
_chem_comp.formula
CL non-polymer 'CHLORIDE ION' 'Cl -1'
DB8 non-polymer 4-[(2,4-dichloro-5-methoxyphenyl)amino]-6-methoxy-7-[3-(4-methylpiperazin-1-yl)propoxy]quinoline-3-carbonitrile 'C26 H29 Cl2 N5 O3'
EDO non-polymer 1,2-ETHANEDIOL 'C2 H6 O2'
#
# COMPACT_ATOMS: atom_id res chain seq x y z
N GLU A 6 -30.71 -10.72 17.69
CA GLU A 6 -30.74 -11.10 16.24
C GLU A 6 -32.07 -10.80 15.51
N HIS A 7 -32.83 -9.83 16.04
CA HIS A 7 -34.11 -9.38 15.48
C HIS A 7 -34.55 -8.06 16.15
N VAL A 8 -35.83 -7.71 16.03
CA VAL A 8 -36.35 -6.42 16.46
C VAL A 8 -37.15 -6.57 17.75
N ARG A 9 -36.90 -5.66 18.69
CA ARG A 9 -37.56 -5.68 19.99
C ARG A 9 -38.65 -4.61 20.09
N ARG A 10 -39.90 -5.04 20.01
CA ARG A 10 -41.07 -4.15 20.15
C ARG A 10 -41.37 -3.80 21.63
N ASP A 11 -41.07 -4.74 22.54
CA ASP A 11 -41.33 -4.59 23.99
C ASP A 11 -40.33 -3.73 24.79
N LEU A 12 -39.39 -3.06 24.13
CA LEU A 12 -38.36 -2.26 24.81
C LEU A 12 -38.30 -0.86 24.23
N ASP A 13 -38.12 0.12 25.12
CA ASP A 13 -37.87 1.50 24.75
C ASP A 13 -36.34 1.66 24.59
N PRO A 14 -35.87 2.11 23.40
CA PRO A 14 -34.42 2.24 23.18
C PRO A 14 -33.71 3.25 24.09
N ASN A 15 -34.42 4.27 24.56
CA ASN A 15 -33.82 5.29 25.43
C ASN A 15 -33.40 4.74 26.82
N GLU A 16 -33.92 3.57 27.21
CA GLU A 16 -33.41 2.85 28.39
C GLU A 16 -31.99 2.32 28.19
N VAL A 17 -31.68 1.85 26.98
CA VAL A 17 -30.38 1.23 26.65
C VAL A 17 -29.36 2.25 26.12
N TRP A 18 -29.82 3.21 25.30
CA TRP A 18 -28.96 4.06 24.50
C TRP A 18 -29.19 5.56 24.72
N GLU A 19 -28.08 6.30 24.81
CA GLU A 19 -28.06 7.75 24.96
C GLU A 19 -27.52 8.33 23.67
N ILE A 20 -28.17 9.37 23.16
CA ILE A 20 -27.73 10.05 21.93
C ILE A 20 -26.75 11.15 22.29
N VAL A 21 -25.52 11.06 21.78
CA VAL A 21 -24.45 12.01 22.09
C VAL A 21 -24.01 12.88 20.90
N GLY A 22 -24.69 12.78 19.76
CA GLY A 22 -24.29 13.55 18.58
C GLY A 22 -24.74 12.97 17.26
N GLU A 23 -24.33 13.65 16.20
CA GLU A 23 -24.71 13.31 14.84
C GLU A 23 -23.45 13.04 14.05
N LEU A 24 -23.53 12.12 13.11
CA LEU A 24 -22.38 11.73 12.28
C LEU A 24 -22.67 12.12 10.81
N GLY A 25 -21.69 12.69 10.10
CA GLY A 25 -21.88 13.18 8.72
C GLY A 25 -22.97 14.26 8.62
N ASP A 26 -23.62 14.35 7.46
CA ASP A 26 -24.72 15.34 7.25
C ASP A 26 -26.10 14.65 7.05
N GLY A 27 -26.47 14.16 5.86
CA GLY A 27 -25.66 14.17 4.64
C GLY A 27 -26.43 13.55 3.50
N ALA A 28 -27.69 14.00 3.39
CA ALA A 28 -28.79 13.33 2.71
C ALA A 28 -28.80 11.87 3.15
N PHE A 29 -29.54 10.95 2.51
CA PHE A 29 -29.62 9.54 2.98
C PHE A 29 -30.26 9.41 4.38
N GLY A 30 -29.93 10.37 5.24
CA GLY A 30 -30.73 10.76 6.39
C GLY A 30 -29.84 11.05 7.59
N LYS A 31 -30.46 11.18 8.75
CA LYS A 31 -29.74 11.52 9.98
C LYS A 31 -29.11 10.23 10.56
N VAL A 32 -27.80 10.27 10.81
CA VAL A 32 -27.09 9.18 11.50
C VAL A 32 -26.62 9.67 12.87
N TYR A 33 -27.09 9.05 13.94
CA TYR A 33 -26.71 9.47 15.31
C TYR A 33 -25.58 8.64 15.91
N LYS A 34 -24.66 9.30 16.60
CA LYS A 34 -23.73 8.64 17.50
C LYS A 34 -24.45 8.35 18.83
N ALA A 35 -24.48 7.08 19.25
CA ALA A 35 -25.09 6.66 20.50
C ALA A 35 -24.11 5.91 21.43
N LYS A 36 -24.35 6.00 22.73
CA LYS A 36 -23.51 5.38 23.77
C LYS A 36 -24.39 4.51 24.66
N ASN A 37 -23.95 3.28 24.87
CA ASN A 37 -24.72 2.34 25.69
C ASN A 37 -24.59 2.79 27.16
N LYS A 38 -25.74 2.87 27.83
CA LYS A 38 -25.82 3.39 29.21
C LYS A 38 -25.29 2.40 30.26
N GLU A 39 -25.38 1.10 29.98
CA GLU A 39 -24.76 0.07 30.80
C GLU A 39 -23.25 -0.02 30.54
N THR A 40 -22.86 -0.27 29.28
CA THR A 40 -21.51 -0.71 28.94
C THR A 40 -20.57 0.39 28.51
N GLY A 41 -21.12 1.48 27.98
CA GLY A 41 -20.28 2.53 27.36
C GLY A 41 -19.93 2.27 25.89
N ALA A 42 -20.35 1.13 25.32
CA ALA A 42 -20.13 0.80 23.93
C ALA A 42 -20.77 1.84 23.02
N LEU A 43 -20.04 2.23 21.99
CA LEU A 43 -20.49 3.21 21.01
C LEU A 43 -21.25 2.52 19.85
N ALA A 44 -22.26 3.24 19.30
CA ALA A 44 -23.01 2.79 18.12
C ALA A 44 -23.29 3.94 17.16
N ALA A 45 -23.41 3.61 15.88
CA ALA A 45 -24.06 4.49 14.92
C ALA A 45 -25.53 4.06 14.91
N ALA A 46 -26.43 5.03 14.94
CA ALA A 46 -27.87 4.79 15.04
C ALA A 46 -28.62 5.55 13.96
N LYS A 47 -29.49 4.84 13.26
CA LYS A 47 -30.42 5.44 12.31
C LYS A 47 -31.77 5.24 12.92
N VAL A 48 -32.59 6.30 12.94
CA VAL A 48 -33.92 6.27 13.56
C VAL A 48 -34.97 6.66 12.55
N ILE A 49 -35.63 5.64 11.98
CA ILE A 49 -36.53 5.75 10.81
C ILE A 49 -38.01 5.70 11.23
N GLU A 50 -38.82 6.68 10.79
CA GLU A 50 -40.22 6.82 11.24
C GLU A 50 -41.18 5.87 10.52
N GLU A 54 -46.35 -1.43 9.57
CA GLU A 54 -45.99 -2.80 9.18
C GLU A 54 -45.74 -2.98 7.66
N GLU A 55 -46.28 -2.07 6.85
CA GLU A 55 -46.01 -2.03 5.40
C GLU A 55 -44.76 -1.20 5.07
N GLU A 56 -44.36 -0.27 5.96
CA GLU A 56 -43.08 0.45 5.88
C GLU A 56 -42.02 -0.10 6.87
N LEU A 57 -42.25 -1.32 7.36
CA LEU A 57 -41.43 -1.96 8.38
C LEU A 57 -40.77 -3.25 7.91
N GLU A 58 -41.55 -4.17 7.35
CA GLU A 58 -41.02 -5.41 6.75
C GLU A 58 -40.08 -5.16 5.55
N ASP A 59 -40.05 -3.93 5.03
CA ASP A 59 -38.98 -3.46 4.13
C ASP A 59 -37.59 -3.67 4.76
N TYR A 60 -37.44 -3.23 6.01
CA TYR A 60 -36.17 -3.25 6.71
C TYR A 60 -35.82 -4.58 7.42
N ILE A 61 -36.80 -5.45 7.63
CA ILE A 61 -36.59 -6.70 8.37
C ILE A 61 -35.60 -7.66 7.70
N VAL A 62 -35.53 -7.64 6.37
CA VAL A 62 -34.57 -8.48 5.66
C VAL A 62 -33.12 -7.99 5.93
N GLU A 63 -32.92 -6.68 5.93
CA GLU A 63 -31.59 -6.07 6.21
C GLU A 63 -31.12 -6.32 7.66
N ILE A 64 -32.06 -6.25 8.61
CA ILE A 64 -31.75 -6.49 10.03
C ILE A 64 -31.48 -7.97 10.31
N GLU A 65 -32.23 -8.87 9.68
CA GLU A 65 -31.93 -10.31 9.76
C GLU A 65 -30.55 -10.63 9.17
N ILE A 66 -30.18 -9.94 8.10
CA ILE A 66 -28.84 -10.10 7.52
C ILE A 66 -27.77 -9.68 8.51
N LEU A 67 -27.84 -8.42 8.93
CA LEU A 67 -26.84 -7.88 9.85
C LEU A 67 -26.72 -8.66 11.16
N ALA A 68 -27.83 -9.25 11.60
CA ALA A 68 -27.84 -10.12 12.78
C ALA A 68 -27.11 -11.44 12.53
N THR A 69 -27.45 -12.13 11.43
CA THR A 69 -26.91 -13.47 11.12
C THR A 69 -25.54 -13.50 10.41
N CYS A 70 -24.96 -12.33 10.10
CA CYS A 70 -23.61 -12.27 9.56
C CYS A 70 -22.57 -12.15 10.66
N ASP A 71 -21.81 -13.22 10.88
CA ASP A 71 -20.66 -13.20 11.76
C ASP A 71 -19.40 -13.19 10.88
N HIS A 72 -18.95 -11.99 10.51
CA HIS A 72 -17.74 -11.84 9.69
C HIS A 72 -17.02 -10.55 10.05
N PRO A 73 -15.68 -10.58 10.19
CA PRO A 73 -14.97 -9.40 10.68
C PRO A 73 -15.14 -8.12 9.82
N TYR A 74 -15.25 -8.29 8.50
CA TYR A 74 -15.42 -7.18 7.55
C TYR A 74 -16.85 -6.76 7.21
N ILE A 75 -17.82 -7.17 8.03
CA ILE A 75 -19.19 -6.71 7.94
C ILE A 75 -19.61 -6.10 9.30
N VAL A 76 -20.29 -4.96 9.27
CA VAL A 76 -20.72 -4.28 10.50
C VAL A 76 -21.63 -5.19 11.33
N LYS A 77 -21.56 -5.04 12.65
CA LYS A 77 -22.40 -5.82 13.57
C LYS A 77 -23.59 -5.03 14.08
N LEU A 78 -24.74 -5.70 14.08
CA LEU A 78 -25.93 -5.16 14.69
C LEU A 78 -25.81 -5.26 16.23
N LEU A 79 -25.86 -4.11 16.90
CA LEU A 79 -25.86 -4.06 18.38
C LEU A 79 -27.27 -4.01 18.97
N GLY A 80 -28.28 -3.64 18.17
CA GLY A 80 -29.67 -3.64 18.60
C GLY A 80 -30.63 -3.06 17.57
N ALA A 81 -31.83 -3.64 17.52
CA ALA A 81 -32.91 -3.15 16.65
C ALA A 81 -34.18 -3.08 17.48
N TYR A 82 -34.80 -1.89 17.51
CA TYR A 82 -35.96 -1.61 18.36
C TYR A 82 -37.11 -0.98 17.56
N TYR A 83 -38.35 -1.34 17.90
CA TYR A 83 -39.55 -0.63 17.38
C TYR A 83 -40.39 -0.02 18.51
N HIS A 84 -40.31 1.31 18.64
CA HIS A 84 -40.90 2.03 19.77
C HIS A 84 -41.49 3.34 19.29
N ASP A 85 -42.71 3.63 19.74
CA ASP A 85 -43.58 4.67 19.13
C ASP A 85 -43.75 4.38 17.63
N GLY A 86 -43.49 5.36 16.75
CA GLY A 86 -43.61 5.15 15.31
C GLY A 86 -42.29 4.78 14.63
N LYS A 87 -41.18 4.87 15.38
CA LYS A 87 -39.84 4.81 14.82
C LYS A 87 -39.18 3.43 14.95
N LEU A 88 -38.40 3.06 13.92
CA LEU A 88 -37.51 1.90 13.93
C LEU A 88 -36.07 2.37 14.20
N TRP A 89 -35.45 1.82 15.25
CA TRP A 89 -34.07 2.16 15.62
C TRP A 89 -33.15 1.00 15.26
N ILE A 90 -32.10 1.29 14.51
CA ILE A 90 -31.06 0.33 14.15
C ILE A 90 -29.75 0.83 14.74
N MET A 91 -29.15 0.00 15.61
CA MET A 91 -27.93 0.36 16.33
C MET A 91 -26.82 -0.52 15.81
N ILE A 92 -25.81 0.11 15.21
CA ILE A 92 -24.76 -0.61 14.54
C ILE A 92 -23.44 -0.26 15.20
N GLU A 93 -22.56 -1.27 15.29
CA GLU A 93 -21.17 -1.12 15.74
C GLU A 93 -20.56 0.16 15.20
N PHE A 94 -20.13 1.06 16.09
CA PHE A 94 -19.49 2.33 15.70
C PHE A 94 -18.15 2.05 15.04
N CYS A 95 -17.92 2.62 13.88
CA CYS A 95 -16.65 2.45 13.15
C CYS A 95 -15.92 3.78 13.21
N PRO A 96 -14.88 3.89 14.06
CA PRO A 96 -14.37 5.23 14.39
C PRO A 96 -13.63 5.91 13.26
N GLY A 97 -13.10 5.13 12.33
CA GLY A 97 -12.49 5.68 11.12
C GLY A 97 -13.46 6.37 10.17
N GLY A 98 -14.76 6.14 10.33
CA GLY A 98 -15.78 6.62 9.38
C GLY A 98 -15.65 6.01 7.99
N ALA A 99 -16.37 6.60 7.04
CA ALA A 99 -16.46 6.12 5.66
C ALA A 99 -15.26 6.51 4.81
N VAL A 100 -14.96 5.70 3.81
CA VAL A 100 -13.82 5.94 2.96
C VAL A 100 -14.01 7.21 2.12
N ASP A 101 -15.24 7.50 1.72
CA ASP A 101 -15.48 8.68 0.90
C ASP A 101 -15.25 9.97 1.70
N ALA A 102 -15.63 9.93 2.97
CA ALA A 102 -15.41 11.06 3.90
C ALA A 102 -13.94 11.28 4.18
N ILE A 103 -13.14 10.22 4.19
CA ILE A 103 -11.69 10.36 4.36
C ILE A 103 -11.04 11.01 3.14
N MET A 104 -11.46 10.61 1.95
CA MET A 104 -10.91 11.21 0.74
C MET A 104 -11.23 12.71 0.66
N LEU A 105 -12.37 13.09 1.22
CA LEU A 105 -12.81 14.47 1.28
C LEU A 105 -11.93 15.27 2.25
N GLU A 106 -11.81 14.79 3.50
CA GLU A 106 -10.93 15.38 4.52
C GLU A 106 -9.52 15.71 3.99
N LEU A 107 -8.90 14.73 3.35
CA LEU A 107 -7.52 14.85 2.86
C LEU A 107 -7.42 15.44 1.45
N ASP A 108 -8.56 15.80 0.85
CA ASP A 108 -8.68 16.13 -0.58
C ASP A 108 -7.78 15.31 -1.51
N ARG A 109 -7.84 14.00 -1.34
CA ARG A 109 -7.16 13.09 -2.26
C ARG A 109 -7.77 11.69 -2.29
N GLY A 110 -7.44 10.98 -3.36
CA GLY A 110 -7.80 9.58 -3.51
C GLY A 110 -6.85 8.71 -2.74
N LEU A 111 -7.18 7.43 -2.62
CA LEU A 111 -6.31 6.46 -2.00
C LEU A 111 -5.20 6.08 -2.94
N THR A 112 -4.09 5.60 -2.37
CA THR A 112 -2.99 5.06 -3.15
C THR A 112 -3.32 3.63 -3.54
N GLU A 113 -2.61 3.09 -4.52
CA GLU A 113 -2.87 1.72 -4.96
C GLU A 113 -2.74 0.73 -3.80
N PRO A 114 -1.63 0.79 -3.02
CA PRO A 114 -1.53 -0.12 -1.87
C PRO A 114 -2.72 -0.08 -0.90
N GLN A 115 -3.23 1.11 -0.63
CA GLN A 115 -4.45 1.27 0.20
C GLN A 115 -5.67 0.68 -0.48
N ILE A 116 -5.82 0.94 -1.78
CA ILE A 116 -6.90 0.38 -2.54
C ILE A 116 -6.83 -1.15 -2.52
N GLN A 117 -5.63 -1.70 -2.61
CA GLN A 117 -5.44 -3.16 -2.60
C GLN A 117 -5.94 -3.84 -1.32
N VAL A 118 -5.79 -3.15 -0.19
CA VAL A 118 -6.28 -3.66 1.10
C VAL A 118 -7.80 -3.62 1.15
N VAL A 119 -8.38 -2.49 0.78
CA VAL A 119 -9.82 -2.34 0.77
C VAL A 119 -10.44 -3.40 -0.13
N CYS A 120 -9.85 -3.55 -1.33
CA CYS A 120 -10.35 -4.49 -2.33
C CYS A 120 -10.36 -5.89 -1.76
N ARG A 121 -9.19 -6.32 -1.26
CA ARG A 121 -9.01 -7.64 -0.66
C ARG A 121 -10.03 -7.92 0.42
N GLN A 122 -10.22 -6.96 1.32
CA GLN A 122 -11.18 -7.13 2.40
C GLN A 122 -12.63 -7.10 1.90
N MET A 123 -12.95 -6.24 0.93
CA MET A 123 -14.29 -6.21 0.33
C MET A 123 -14.59 -7.54 -0.36
N LEU A 124 -13.64 -8.06 -1.11
CA LEU A 124 -13.83 -9.38 -1.75
C LEU A 124 -14.10 -10.52 -0.79
N GLU A 125 -13.38 -10.54 0.34
CA GLU A 125 -13.60 -11.57 1.36
C GLU A 125 -14.96 -11.44 1.96
N ALA A 126 -15.38 -10.20 2.24
CA ALA A 126 -16.73 -9.99 2.74
C ALA A 126 -17.81 -10.44 1.74
N LEU A 127 -17.64 -10.07 0.46
CA LEU A 127 -18.63 -10.43 -0.56
C LEU A 127 -18.64 -11.93 -0.86
N ASN A 128 -17.49 -12.57 -0.82
CA ASN A 128 -17.42 -14.02 -0.91
C ASN A 128 -18.24 -14.66 0.20
N PHE A 129 -18.06 -14.16 1.43
CA PHE A 129 -18.88 -14.58 2.55
C PHE A 129 -20.37 -14.34 2.29
N LEU A 130 -20.75 -13.11 1.96
CA LEU A 130 -22.15 -12.80 1.75
C LEU A 130 -22.76 -13.64 0.60
N HIS A 131 -22.04 -13.73 -0.52
CA HIS A 131 -22.56 -14.43 -1.67
C HIS A 131 -22.72 -15.95 -1.46
N SER A 132 -21.79 -16.55 -0.71
CA SER A 132 -21.93 -17.95 -0.28
C SER A 132 -23.22 -18.20 0.50
N LYS A 133 -23.67 -17.21 1.28
CA LYS A 133 -24.98 -17.26 1.96
C LYS A 133 -26.18 -16.74 1.13
N ARG A 134 -25.99 -16.55 -0.18
CA ARG A 134 -26.98 -15.90 -1.07
C ARG A 134 -27.48 -14.51 -0.60
N ILE A 135 -26.60 -13.75 0.04
CA ILE A 135 -26.93 -12.38 0.41
C ILE A 135 -26.25 -11.48 -0.60
N ILE A 136 -27.02 -10.54 -1.15
CA ILE A 136 -26.52 -9.57 -2.09
C ILE A 136 -26.54 -8.24 -1.34
N HIS A 137 -25.42 -7.52 -1.34
CA HIS A 137 -25.30 -6.27 -0.59
C HIS A 137 -26.18 -5.17 -1.17
N ARG A 138 -26.10 -4.98 -2.49
CA ARG A 138 -26.98 -4.11 -3.26
C ARG A 138 -26.63 -2.64 -3.31
N ASP A 139 -25.85 -2.13 -2.37
CA ASP A 139 -25.39 -0.74 -2.42
C ASP A 139 -23.91 -0.52 -2.07
N LEU A 140 -23.01 -1.19 -2.78
CA LEU A 140 -21.58 -0.95 -2.57
C LEU A 140 -21.13 0.38 -3.14
N LYS A 141 -20.31 1.08 -2.35
CA LYS A 141 -19.79 2.41 -2.70
C LYS A 141 -18.88 2.81 -1.56
N ALA A 142 -18.02 3.80 -1.77
CA ALA A 142 -17.05 4.18 -0.73
C ALA A 142 -17.72 4.67 0.54
N GLY A 143 -18.88 5.29 0.40
CA GLY A 143 -19.71 5.71 1.51
C GLY A 143 -20.25 4.63 2.42
N ASN A 144 -20.36 3.40 1.92
CA ASN A 144 -20.73 2.23 2.73
C ASN A 144 -19.56 1.28 3.08
N VAL A 145 -18.33 1.73 2.89
CA VAL A 145 -17.15 1.02 3.35
C VAL A 145 -16.59 1.88 4.47
N LEU A 146 -16.75 1.39 5.68
CA LEU A 146 -16.38 2.10 6.90
C LEU A 146 -15.11 1.50 7.47
N MET A 147 -14.43 2.26 8.30
CA MET A 147 -13.11 1.84 8.78
C MET A 147 -12.99 1.79 10.30
N THR A 148 -12.15 0.87 10.78
CA THR A 148 -11.76 0.77 12.19
C THR A 148 -10.44 1.51 12.38
N LEU A 149 -10.02 1.73 13.62
CA LEU A 149 -8.69 2.31 13.88
C LEU A 149 -7.57 1.31 13.61
N GLU A 150 -7.90 0.01 13.61
CA GLU A 150 -6.90 -1.03 13.32
C GLU A 150 -6.65 -1.23 11.83
N GLY A 151 -7.28 -0.42 10.99
CA GLY A 151 -7.07 -0.47 9.54
C GLY A 151 -7.82 -1.55 8.80
N ASP A 152 -8.94 -2.03 9.37
CA ASP A 152 -9.84 -2.93 8.66
C ASP A 152 -11.07 -2.16 8.16
N ILE A 153 -11.75 -2.74 7.18
CA ILE A 153 -13.02 -2.19 6.70
C ILE A 153 -14.18 -2.90 7.34
N ARG A 154 -15.33 -2.26 7.30
CA ARG A 154 -16.59 -2.87 7.59
C ARG A 154 -17.52 -2.47 6.45
N LEU A 155 -18.07 -3.46 5.77
CA LEU A 155 -19.17 -3.24 4.83
C LEU A 155 -20.43 -2.87 5.59
N ALA A 156 -21.04 -1.75 5.24
CA ALA A 156 -22.22 -1.29 5.93
C ALA A 156 -23.44 -1.14 5.03
N ASP A 157 -24.57 -0.82 5.66
CA ASP A 157 -25.79 -0.26 5.02
C ASP A 157 -26.70 -1.26 4.33
N PHE A 158 -26.17 -2.03 3.38
CA PHE A 158 -26.95 -3.11 2.74
C PHE A 158 -28.24 -2.64 2.06
N GLY A 159 -28.26 -1.40 1.58
CA GLY A 159 -29.44 -0.87 0.94
C GLY A 159 -30.29 0.08 1.78
N VAL A 160 -30.11 0.08 3.11
CA VAL A 160 -31.06 0.75 4.02
C VAL A 160 -31.17 2.25 3.80
N SER A 161 -30.05 2.94 3.57
CA SER A 161 -30.04 4.39 3.43
C SER A 161 -30.79 4.88 2.19
N ALA A 162 -30.82 4.08 1.13
CA ALA A 162 -31.50 4.47 -0.10
C ALA A 162 -32.99 4.16 0.02
N LYS A 163 -33.36 3.03 0.65
CA LYS A 163 -34.78 2.77 0.99
C LYS A 163 -35.40 3.88 1.85
N ASN A 164 -34.63 4.37 2.82
CA ASN A 164 -35.05 5.48 3.68
C ASN A 164 -35.04 6.85 2.97
N LEU A 165 -34.10 7.06 2.05
CA LEU A 165 -34.14 8.26 1.20
C LEU A 165 -35.36 8.29 0.26
N LYS A 166 -35.91 7.10 -0.05
CA LYS A 166 -37.13 6.95 -0.86
C LYS A 166 -38.42 7.51 -0.19
N THR A 167 -38.34 7.96 1.08
CA THR A 167 -39.46 8.66 1.74
C THR A 167 -39.13 10.11 2.10
N PHE A 174 -30.93 13.99 -6.82
CA PHE A 174 -29.59 13.68 -7.30
C PHE A 174 -28.66 13.05 -6.25
N ILE A 175 -29.03 13.13 -4.97
CA ILE A 175 -28.39 12.35 -3.93
C ILE A 175 -29.12 11.00 -3.92
N GLY A 176 -28.34 9.92 -3.95
CA GLY A 176 -28.87 8.58 -4.21
C GLY A 176 -28.88 8.19 -5.68
N THR A 177 -28.28 9.00 -6.55
CA THR A 177 -28.06 8.58 -7.92
C THR A 177 -27.19 7.29 -7.90
N PRO A 178 -27.61 6.25 -8.63
CA PRO A 178 -26.90 4.97 -8.65
C PRO A 178 -25.77 4.83 -9.64
N TYR A 179 -24.73 5.59 -9.33
CA TYR A 179 -23.54 5.61 -10.13
C TYR A 179 -22.81 4.26 -10.09
N TRP A 180 -23.07 3.44 -9.08
CA TRP A 180 -22.34 2.21 -8.84
C TRP A 180 -23.11 0.99 -9.36
N MET A 181 -24.28 1.21 -9.96
CA MET A 181 -25.19 0.13 -10.34
C MET A 181 -24.75 -0.57 -11.63
N ALA A 182 -24.91 -1.89 -11.63
CA ALA A 182 -24.53 -2.72 -12.78
C ALA A 182 -25.46 -2.44 -13.92
N PRO A 183 -24.94 -2.45 -15.14
CA PRO A 183 -25.70 -2.10 -16.35
C PRO A 183 -26.94 -2.94 -16.58
N GLU A 184 -26.87 -4.22 -16.23
CA GLU A 184 -28.00 -5.12 -16.42
C GLU A 184 -29.19 -4.81 -15.55
N VAL A 185 -28.98 -4.07 -14.45
CA VAL A 185 -30.08 -3.73 -13.54
C VAL A 185 -30.31 -2.22 -13.32
N VAL A 186 -29.70 -1.41 -14.13
CA VAL A 186 -29.74 0.04 -13.93
C VAL A 186 -31.19 0.60 -14.06
N MET A 187 -32.05 -0.03 -14.87
CA MET A 187 -33.45 0.45 -15.00
C MET A 187 -34.44 -0.20 -14.08
N CYS A 188 -33.99 -1.09 -13.18
CA CYS A 188 -34.88 -1.87 -12.37
C CYS A 188 -35.16 -1.20 -11.03
N GLU A 189 -36.39 -1.29 -10.56
CA GLU A 189 -36.73 -1.00 -9.18
C GLU A 189 -36.48 -2.25 -8.35
N THR A 190 -36.97 -3.39 -8.81
CA THR A 190 -36.72 -4.68 -8.21
C THR A 190 -36.11 -5.58 -9.27
N MET A 191 -35.22 -6.46 -8.84
CA MET A 191 -34.49 -7.34 -9.77
C MET A 191 -35.03 -8.76 -9.72
N LYS A 192 -35.02 -9.44 -10.86
CA LYS A 192 -35.36 -10.87 -10.90
C LYS A 192 -34.35 -11.73 -10.18
N ASP A 193 -34.86 -12.82 -9.64
CA ASP A 193 -34.02 -13.88 -9.10
C ASP A 193 -33.46 -14.64 -10.29
N THR A 194 -32.15 -14.53 -10.49
CA THR A 194 -31.43 -15.23 -11.54
C THR A 194 -30.19 -15.83 -10.92
N PRO A 195 -29.51 -16.74 -11.64
CA PRO A 195 -28.25 -17.29 -11.11
C PRO A 195 -27.04 -16.36 -11.11
N TYR A 196 -27.14 -15.17 -11.72
CA TYR A 196 -25.99 -14.23 -11.74
C TYR A 196 -26.39 -12.91 -11.10
N ASP A 197 -27.40 -12.93 -10.25
CA ASP A 197 -27.85 -11.70 -9.59
C ASP A 197 -26.82 -11.11 -8.64
N TYR A 198 -26.11 -11.97 -7.93
CA TYR A 198 -25.06 -11.55 -7.00
C TYR A 198 -23.89 -10.87 -7.71
N LYS A 199 -23.73 -11.14 -9.02
CA LYS A 199 -22.67 -10.51 -9.80
C LYS A 199 -22.87 -9.00 -9.92
N ALA A 200 -24.07 -8.49 -9.65
CA ALA A 200 -24.28 -7.04 -9.62
C ALA A 200 -23.34 -6.37 -8.60
N ASP A 201 -23.11 -7.02 -7.44
CA ASP A 201 -22.16 -6.51 -6.44
C ASP A 201 -20.73 -6.38 -6.93
N ILE A 202 -20.32 -7.30 -7.81
CA ILE A 202 -18.96 -7.30 -8.31
C ILE A 202 -18.72 -6.09 -9.22
N TRP A 203 -19.66 -5.76 -10.10
CA TRP A 203 -19.58 -4.54 -10.89
C TRP A 203 -19.45 -3.32 -9.96
N SER A 204 -20.33 -3.22 -8.95
CA SER A 204 -20.27 -2.12 -7.97
C SER A 204 -18.94 -2.05 -7.23
N LEU A 205 -18.35 -3.21 -6.96
CA LEU A 205 -16.99 -3.25 -6.37
C LEU A 205 -16.01 -2.54 -7.27
N GLY A 206 -16.06 -2.89 -8.54
CA GLY A 206 -15.23 -2.26 -9.55
C GLY A 206 -15.36 -0.74 -9.58
N ILE A 207 -16.59 -0.25 -9.51
CA ILE A 207 -16.88 1.20 -9.60
C ILE A 207 -16.36 1.89 -8.31
N THR A 208 -16.54 1.21 -7.18
CA THR A 208 -15.99 1.64 -5.91
C THR A 208 -14.47 1.76 -5.96
N LEU A 209 -13.79 0.82 -6.63
CA LEU A 209 -12.36 0.99 -6.78
C LEU A 209 -11.96 2.23 -7.58
N ILE A 210 -12.68 2.52 -8.65
CA ILE A 210 -12.41 3.71 -9.44
C ILE A 210 -12.69 4.95 -8.58
N GLU A 211 -13.78 4.91 -7.83
CA GLU A 211 -14.13 5.99 -6.92
C GLU A 211 -13.01 6.26 -5.90
N MET A 212 -12.42 5.19 -5.37
CA MET A 212 -11.35 5.33 -4.39
CA MET A 212 -11.35 5.33 -4.39
C MET A 212 -10.09 5.87 -5.03
N ALA A 213 -9.86 5.50 -6.29
CA ALA A 213 -8.72 6.01 -7.05
C ALA A 213 -8.87 7.49 -7.43
N GLN A 214 -10.09 7.94 -7.72
CA GLN A 214 -10.32 9.27 -8.35
C GLN A 214 -11.20 10.23 -7.56
N ILE A 215 -11.57 9.84 -6.35
CA ILE A 215 -12.50 10.54 -5.46
C ILE A 215 -13.98 10.38 -5.81
N GLU A 216 -14.32 10.49 -7.10
CA GLU A 216 -15.71 10.42 -7.57
C GLU A 216 -15.90 9.22 -8.51
N PRO A 217 -17.10 8.63 -8.55
CA PRO A 217 -17.32 7.55 -9.49
C PRO A 217 -17.42 8.07 -10.93
N PRO A 218 -17.36 7.18 -11.92
CA PRO A 218 -17.59 7.64 -13.29
C PRO A 218 -18.96 8.30 -13.43
N HIS A 219 -19.03 9.28 -14.35
CA HIS A 219 -20.31 9.97 -14.67
C HIS A 219 -20.86 10.81 -13.51
N HIS A 220 -20.01 11.15 -12.54
CA HIS A 220 -20.46 11.90 -11.36
C HIS A 220 -21.07 13.27 -11.70
N GLU A 221 -20.66 13.85 -12.82
CA GLU A 221 -21.13 15.15 -13.27
CA GLU A 221 -21.14 15.17 -13.24
C GLU A 221 -22.58 15.16 -13.78
N LEU A 222 -23.10 14.00 -14.14
CA LEU A 222 -24.39 13.91 -14.84
C LEU A 222 -25.61 13.85 -13.91
N ASN A 223 -26.76 14.31 -14.38
CA ASN A 223 -28.00 14.16 -13.63
C ASN A 223 -28.43 12.63 -13.55
N PRO A 224 -29.28 12.28 -12.57
CA PRO A 224 -29.61 10.90 -12.26
C PRO A 224 -30.17 10.09 -13.39
N MET A 225 -31.08 10.68 -14.16
CA MET A 225 -31.67 10.00 -15.31
C MET A 225 -30.65 9.73 -16.40
N ARG A 226 -29.84 10.73 -16.67
CA ARG A 226 -28.80 10.62 -17.67
C ARG A 226 -27.78 9.55 -17.29
N VAL A 227 -27.48 9.41 -16.00
CA VAL A 227 -26.52 8.40 -15.52
C VAL A 227 -26.97 6.93 -15.81
N LEU A 228 -28.25 6.64 -15.65
CA LEU A 228 -28.81 5.31 -15.90
C LEU A 228 -28.52 4.92 -17.31
N LEU A 229 -28.82 5.82 -18.23
CA LEU A 229 -28.63 5.60 -19.66
C LEU A 229 -27.19 5.50 -20.03
N LYS A 230 -26.39 6.37 -19.42
CA LYS A 230 -24.97 6.35 -19.67
C LYS A 230 -24.37 4.99 -19.25
N ILE A 231 -24.76 4.46 -18.09
CA ILE A 231 -24.22 3.19 -17.62
C ILE A 231 -24.65 2.03 -18.58
N ALA A 232 -25.91 2.02 -18.95
CA ALA A 232 -26.46 1.03 -19.85
C ALA A 232 -25.72 1.00 -21.19
N LYS A 233 -25.42 2.19 -21.72
CA LYS A 233 -24.88 2.29 -23.07
C LYS A 233 -23.37 2.27 -23.20
N SER A 234 -22.65 2.80 -22.23
CA SER A 234 -21.22 3.02 -22.40
C SER A 234 -20.45 1.73 -22.28
N ASP A 235 -19.27 1.74 -22.89
CA ASP A 235 -18.24 0.77 -22.60
C ASP A 235 -17.92 0.86 -21.11
N PRO A 236 -17.45 -0.24 -20.49
CA PRO A 236 -17.08 -0.18 -19.09
C PRO A 236 -16.09 0.96 -18.83
N PRO A 237 -16.24 1.65 -17.69
CA PRO A 237 -15.30 2.74 -17.37
C PRO A 237 -13.89 2.20 -17.07
N THR A 238 -12.89 3.00 -17.36
CA THR A 238 -11.48 2.69 -17.11
C THR A 238 -10.89 3.85 -16.33
N LEU A 239 -9.72 3.63 -15.75
CA LEU A 239 -9.05 4.66 -14.97
C LEU A 239 -8.71 5.83 -15.85
N LEU A 240 -8.93 7.04 -15.33
CA LEU A 240 -8.69 8.28 -16.09
C LEU A 240 -7.24 8.45 -16.53
N THR A 241 -6.30 8.13 -15.64
CA THR A 241 -4.87 8.30 -15.90
C THR A 241 -4.14 6.97 -15.68
N PRO A 242 -4.14 6.09 -16.69
CA PRO A 242 -3.57 4.72 -16.55
C PRO A 242 -2.12 4.66 -16.04
N SER A 243 -1.31 5.64 -16.45
CA SER A 243 0.10 5.75 -16.04
C SER A 243 0.32 5.69 -14.54
N LYS A 244 -0.60 6.26 -13.76
CA LYS A 244 -0.50 6.24 -12.28
C LYS A 244 -0.63 4.86 -11.65
N TRP A 245 -1.15 3.89 -12.40
CA TRP A 245 -1.66 2.66 -11.83
C TRP A 245 -0.98 1.49 -12.47
N SER A 246 -0.79 0.44 -11.69
CA SER A 246 -0.20 -0.79 -12.19
C SER A 246 -1.05 -1.46 -13.25
N VAL A 247 -0.45 -2.42 -13.93
CA VAL A 247 -1.11 -3.23 -14.93
C VAL A 247 -2.08 -4.20 -14.26
N GLU A 248 -1.76 -4.59 -13.03
CA GLU A 248 -2.60 -5.47 -12.23
C GLU A 248 -3.92 -4.77 -11.89
N PHE A 249 -3.84 -3.52 -11.44
CA PHE A 249 -5.02 -2.75 -11.07
C PHE A 249 -5.95 -2.61 -12.30
N ARG A 250 -5.37 -2.20 -13.43
CA ARG A 250 -6.14 -2.02 -14.66
C ARG A 250 -6.74 -3.30 -15.21
N ASP A 251 -5.97 -4.38 -15.11
CA ASP A 251 -6.48 -5.67 -15.51
C ASP A 251 -7.60 -6.16 -14.59
N PHE A 252 -7.45 -5.93 -13.29
CA PHE A 252 -8.47 -6.31 -12.32
C PHE A 252 -9.79 -5.60 -12.67
N LEU A 253 -9.72 -4.29 -12.88
CA LEU A 253 -10.91 -3.51 -13.25
C LEU A 253 -11.55 -4.00 -14.52
N LYS A 254 -10.71 -4.28 -15.53
CA LYS A 254 -11.16 -4.74 -16.83
C LYS A 254 -11.97 -6.01 -16.71
N ILE A 255 -11.52 -6.94 -15.87
CA ILE A 255 -12.27 -8.20 -15.74
C ILE A 255 -13.50 -8.04 -14.85
N ALA A 256 -13.40 -7.24 -13.79
CA ALA A 256 -14.53 -7.05 -12.88
C ALA A 256 -15.64 -6.28 -13.56
N LEU A 257 -15.28 -5.27 -14.35
CA LEU A 257 -16.27 -4.40 -15.01
C LEU A 257 -16.64 -4.95 -16.39
N ASP A 258 -17.21 -6.14 -16.37
CA ASP A 258 -17.67 -6.85 -17.55
C ASP A 258 -19.15 -6.59 -17.56
N LYS A 259 -19.66 -6.09 -18.68
CA LYS A 259 -21.09 -5.77 -18.79
C LYS A 259 -21.99 -6.99 -18.77
N ASN A 260 -21.45 -8.15 -19.15
CA ASN A 260 -22.18 -9.42 -19.10
C ASN A 260 -22.07 -10.03 -17.69
N PRO A 261 -23.19 -10.16 -16.97
CA PRO A 261 -23.08 -10.67 -15.61
C PRO A 261 -22.72 -12.18 -15.49
N GLU A 262 -22.93 -12.95 -16.54
CA GLU A 262 -22.59 -14.37 -16.55
C GLU A 262 -21.09 -14.55 -16.59
N THR A 263 -20.37 -13.82 -17.43
CA THR A 263 -18.94 -13.97 -17.51
C THR A 263 -18.17 -13.15 -16.49
N ARG A 264 -18.82 -12.14 -15.89
CA ARG A 264 -18.20 -11.33 -14.83
C ARG A 264 -17.76 -12.31 -13.72
N PRO A 265 -16.54 -12.16 -13.21
CA PRO A 265 -16.08 -13.11 -12.17
C PRO A 265 -16.72 -12.96 -10.82
N SER A 266 -16.71 -14.05 -10.05
CA SER A 266 -17.19 -14.05 -8.68
C SER A 266 -16.13 -13.41 -7.81
N ALA A 267 -16.50 -13.11 -6.57
CA ALA A 267 -15.54 -12.63 -5.57
C ALA A 267 -14.39 -13.66 -5.33
N ALA A 268 -14.74 -14.94 -5.26
CA ALA A 268 -13.74 -16.01 -5.08
C ALA A 268 -12.74 -16.02 -6.22
N GLN A 269 -13.21 -15.89 -7.46
CA GLN A 269 -12.29 -15.81 -8.59
C GLN A 269 -11.40 -14.56 -8.56
N LEU A 270 -11.94 -13.44 -8.12
CA LEU A 270 -11.14 -12.21 -8.06
C LEU A 270 -10.11 -12.24 -6.94
N LEU A 271 -10.37 -13.00 -5.89
CA LEU A 271 -9.35 -13.19 -4.83
C LEU A 271 -8.06 -13.86 -5.32
N GLU A 272 -8.18 -14.66 -6.39
CA GLU A 272 -7.03 -15.31 -7.06
C GLU A 272 -6.33 -14.41 -8.07
N HIS A 273 -6.72 -13.15 -8.17
CA HIS A 273 -6.11 -12.22 -9.13
C HIS A 273 -4.91 -11.53 -8.44
N PRO A 274 -3.80 -11.31 -9.19
CA PRO A 274 -2.55 -10.75 -8.67
C PRO A 274 -2.65 -9.42 -7.93
N PHE A 275 -3.63 -8.62 -8.30
CA PHE A 275 -3.89 -7.34 -7.62
C PHE A 275 -4.10 -7.51 -6.13
N VAL A 276 -4.71 -8.63 -5.72
CA VAL A 276 -5.05 -8.84 -4.32
C VAL A 276 -4.58 -10.16 -3.72
N SER A 277 -4.15 -11.13 -4.53
CA SER A 277 -3.95 -12.51 -4.03
C SER A 277 -2.80 -12.64 -3.01
N SER A 278 -1.84 -11.73 -3.07
CA SER A 278 -0.72 -11.65 -2.12
C SER A 278 -0.92 -10.66 -0.97
N ILE A 279 -2.09 -10.02 -0.87
CA ILE A 279 -2.31 -9.02 0.18
C ILE A 279 -2.63 -9.76 1.49
N THR A 280 -1.74 -9.61 2.48
CA THR A 280 -1.94 -10.22 3.82
C THR A 280 -1.86 -9.25 4.99
N SER A 281 -1.48 -7.98 4.75
CA SER A 281 -1.35 -6.98 5.82
C SER A 281 -2.21 -5.76 5.53
N ASN A 282 -2.85 -5.23 6.55
CA ASN A 282 -3.66 -4.03 6.42
C ASN A 282 -2.89 -2.75 6.73
N LYS A 283 -1.57 -2.81 6.61
CA LYS A 283 -0.68 -1.73 7.07
C LYS A 283 -1.05 -0.43 6.39
N ALA A 284 -1.10 -0.49 5.06
CA ALA A 284 -1.41 0.68 4.23
C ALA A 284 -2.70 1.38 4.66
N LEU A 285 -3.72 0.59 5.03
CA LEU A 285 -4.97 1.17 5.56
C LEU A 285 -4.83 1.76 6.94
N ARG A 286 -4.05 1.12 7.80
CA ARG A 286 -3.77 1.69 9.13
C ARG A 286 -3.03 3.02 9.03
N GLU A 287 -2.04 3.09 8.15
CA GLU A 287 -1.35 4.36 7.89
C GLU A 287 -2.32 5.46 7.40
N LEU A 288 -3.28 5.08 6.57
CA LEU A 288 -4.28 6.01 6.07
C LEU A 288 -5.15 6.60 7.17
N VAL A 289 -5.68 5.73 8.04
CA VAL A 289 -6.56 6.17 9.14
C VAL A 289 -5.80 6.98 10.19
N ALA A 290 -4.54 6.61 10.45
CA ALA A 290 -3.67 7.37 11.36
C ALA A 290 -3.58 8.84 10.95
N GLU A 291 -3.34 9.06 9.66
CA GLU A 291 -3.22 10.39 9.10
C GLU A 291 -4.51 11.24 9.18
N ALA A 292 -5.67 10.62 9.01
CA ALA A 292 -6.96 11.34 9.10
C ALA A 292 -7.39 11.65 10.55
N LYS A 293 -6.89 10.88 11.52
CA LYS A 293 -7.09 11.19 12.95
C LYS A 293 -6.27 12.44 13.35
N ALA A 294 -4.99 12.45 12.96
CA ALA A 294 -4.11 13.63 13.11
C ALA A 294 -4.54 14.75 12.15
N HIS B 7 12.62 -2.34 -21.58
CA HIS B 7 11.59 -1.27 -21.37
C HIS B 7 12.17 0.14 -21.60
N VAL B 8 13.03 0.29 -22.61
CA VAL B 8 13.51 1.61 -23.04
C VAL B 8 12.68 2.01 -24.25
N ARG B 9 12.19 3.26 -24.25
CA ARG B 9 11.36 3.80 -25.33
C ARG B 9 12.16 4.74 -26.23
N ARG B 10 12.52 4.24 -27.42
CA ARG B 10 13.23 5.03 -28.44
C ARG B 10 12.29 5.98 -29.20
N ASP B 11 11.04 5.58 -29.39
CA ASP B 11 10.04 6.34 -30.17
C ASP B 11 9.41 7.56 -29.48
N LEU B 12 9.85 7.88 -28.26
CA LEU B 12 9.26 8.97 -27.49
C LEU B 12 10.31 9.95 -26.97
N ASP B 13 9.94 11.23 -26.98
CA ASP B 13 10.74 12.32 -26.42
C ASP B 13 10.37 12.45 -24.93
N PRO B 14 11.36 12.36 -24.02
CA PRO B 14 11.06 12.45 -22.58
C PRO B 14 10.48 13.77 -22.10
N ASN B 15 10.79 14.86 -22.81
CA ASN B 15 10.27 16.19 -22.44
C ASN B 15 8.74 16.33 -22.61
N GLU B 16 8.11 15.44 -23.37
CA GLU B 16 6.64 15.33 -23.43
C GLU B 16 6.03 14.83 -22.10
N VAL B 17 6.72 13.88 -21.46
CA VAL B 17 6.24 13.24 -20.21
C VAL B 17 6.72 13.98 -18.95
N TRP B 18 7.97 14.45 -18.97
CA TRP B 18 8.67 14.91 -17.77
C TRP B 18 9.18 16.34 -17.88
N GLU B 19 9.00 17.11 -16.80
CA GLU B 19 9.49 18.49 -16.70
C GLU B 19 10.60 18.50 -15.64
N ILE B 20 11.72 19.15 -15.95
CA ILE B 20 12.86 19.23 -15.03
C ILE B 20 12.68 20.44 -14.12
N VAL B 21 12.63 20.19 -12.82
CA VAL B 21 12.37 21.25 -11.81
C VAL B 21 13.57 21.54 -10.89
N GLY B 22 14.73 20.92 -11.14
CA GLY B 22 15.90 21.14 -10.29
C GLY B 22 16.95 20.05 -10.34
N GLU B 23 18.00 20.24 -9.55
CA GLU B 23 19.12 19.30 -9.46
C GLU B 23 19.26 18.84 -8.02
N LEU B 24 19.58 17.56 -7.83
CA LEU B 24 19.50 16.90 -6.52
C LEU B 24 20.81 16.44 -5.89
N GLY B 25 21.95 16.51 -6.59
CA GLY B 25 23.22 16.00 -6.03
C GLY B 25 24.49 16.59 -6.62
N ASP B 26 25.62 15.93 -6.35
CA ASP B 26 26.94 16.56 -6.57
C ASP B 26 27.82 15.88 -7.62
N GLY B 27 28.52 14.78 -7.36
CA GLY B 27 28.54 14.00 -6.11
C GLY B 27 29.30 12.70 -6.28
N ALA B 28 29.04 12.02 -7.38
CA ALA B 28 29.88 10.92 -7.86
C ALA B 28 29.32 10.45 -9.22
N PHE B 29 28.30 9.58 -9.15
CA PHE B 29 27.28 9.34 -10.19
C PHE B 29 27.33 10.27 -11.41
N GLY B 30 27.05 11.55 -11.20
CA GLY B 30 26.85 12.53 -12.26
C GLY B 30 25.88 13.62 -11.80
N LYS B 31 25.29 14.31 -12.77
CA LYS B 31 24.19 15.24 -12.49
C LYS B 31 22.93 14.41 -12.27
N VAL B 32 22.25 14.63 -11.15
CA VAL B 32 20.95 13.98 -10.87
C VAL B 32 19.85 15.04 -10.86
N TYR B 33 18.88 14.93 -11.75
CA TYR B 33 17.79 15.91 -11.86
C TYR B 33 16.51 15.48 -11.12
N LYS B 34 15.89 16.42 -10.42
CA LYS B 34 14.51 16.26 -9.93
C LYS B 34 13.54 16.53 -11.09
N ALA B 35 12.67 15.58 -11.39
CA ALA B 35 11.66 15.71 -12.46
C ALA B 35 10.24 15.50 -11.96
N LYS B 36 9.28 16.12 -12.64
CA LYS B 36 7.84 16.04 -12.30
C LYS B 36 7.08 15.58 -13.53
N ASN B 37 6.21 14.58 -13.34
CA ASN B 37 5.42 14.07 -14.44
C ASN B 37 4.33 15.09 -14.80
N LYS B 38 4.22 15.41 -16.09
CA LYS B 38 3.29 16.43 -16.58
C LYS B 38 1.83 15.99 -16.56
N GLU B 39 1.58 14.68 -16.70
CA GLU B 39 0.24 14.10 -16.58
C GLU B 39 -0.17 13.96 -15.11
N THR B 40 0.64 13.25 -14.33
CA THR B 40 0.27 12.77 -12.99
C THR B 40 0.74 13.65 -11.83
N GLY B 41 1.83 14.40 -12.02
CA GLY B 41 2.46 15.12 -10.92
C GLY B 41 3.46 14.31 -10.10
N ALA B 42 3.60 13.01 -10.42
CA ALA B 42 4.56 12.13 -9.74
C ALA B 42 5.99 12.65 -9.90
N LEU B 43 6.75 12.59 -8.81
CA LEU B 43 8.13 13.05 -8.77
C LEU B 43 9.10 11.91 -9.13
N ALA B 44 10.21 12.26 -9.79
CA ALA B 44 11.27 11.30 -10.13
C ALA B 44 12.66 11.89 -9.91
N ALA B 45 13.63 11.02 -9.63
CA ALA B 45 15.03 11.35 -9.81
C ALA B 45 15.40 10.88 -11.21
N ALA B 46 16.11 11.73 -11.93
CA ALA B 46 16.46 11.48 -13.33
C ALA B 46 17.95 11.63 -13.53
N LYS B 47 18.57 10.63 -14.15
CA LYS B 47 19.99 10.66 -14.47
C LYS B 47 20.18 10.33 -15.95
N VAL B 48 21.37 10.71 -16.43
CA VAL B 48 21.85 10.40 -17.78
C VAL B 48 23.24 9.76 -17.62
N LEU B 57 25.42 1.57 -24.49
CA LEU B 57 23.98 1.58 -24.25
C LEU B 57 23.57 0.27 -23.61
N GLU B 58 23.93 -0.86 -24.25
CA GLU B 58 23.67 -2.19 -23.69
C GLU B 58 24.39 -2.46 -22.35
N ASP B 59 25.34 -1.60 -21.98
CA ASP B 59 25.86 -1.54 -20.61
C ASP B 59 24.74 -1.33 -19.57
N TYR B 60 23.88 -0.37 -19.84
CA TYR B 60 22.81 0.01 -18.90
C TYR B 60 21.53 -0.83 -19.02
N ILE B 61 21.35 -1.56 -20.12
CA ILE B 61 20.11 -2.35 -20.35
C ILE B 61 19.86 -3.45 -19.31
N VAL B 62 20.92 -4.04 -18.75
CA VAL B 62 20.76 -5.06 -17.69
C VAL B 62 20.19 -4.43 -16.41
N GLU B 63 20.68 -3.24 -16.06
CA GLU B 63 20.18 -2.50 -14.87
C GLU B 63 18.73 -2.10 -15.02
N ILE B 64 18.37 -1.61 -16.21
CA ILE B 64 17.04 -1.11 -16.50
C ILE B 64 16.04 -2.25 -16.55
N GLU B 65 16.43 -3.39 -17.13
CA GLU B 65 15.62 -4.62 -17.08
C GLU B 65 15.41 -5.12 -15.64
N ILE B 66 16.44 -5.00 -14.80
CA ILE B 66 16.30 -5.32 -13.37
C ILE B 66 15.28 -4.40 -12.72
N LEU B 67 15.55 -3.10 -12.76
CA LEU B 67 14.69 -2.13 -12.09
C LEU B 67 13.23 -2.18 -12.57
N ALA B 68 13.03 -2.57 -13.83
CA ALA B 68 11.69 -2.78 -14.40
C ALA B 68 11.00 -3.99 -13.83
N THR B 69 11.68 -5.13 -13.90
CA THR B 69 11.08 -6.40 -13.52
C THR B 69 11.07 -6.65 -12.02
N CYS B 70 11.64 -5.75 -11.21
CA CYS B 70 11.53 -5.81 -9.75
C CYS B 70 10.31 -5.06 -9.25
N ASP B 71 9.30 -5.82 -8.85
CA ASP B 71 8.14 -5.25 -8.17
C ASP B 71 8.29 -5.58 -6.69
N HIS B 72 8.96 -4.68 -5.95
CA HIS B 72 9.15 -4.86 -4.51
C HIS B 72 9.19 -3.51 -3.81
N PRO B 73 8.49 -3.35 -2.66
CA PRO B 73 8.42 -2.02 -2.03
C PRO B 73 9.76 -1.39 -1.62
N TYR B 74 10.72 -2.22 -1.22
CA TYR B 74 12.06 -1.75 -0.80
C TYR B 74 13.15 -1.67 -1.89
N ILE B 75 12.74 -1.69 -3.15
CA ILE B 75 13.62 -1.45 -4.27
C ILE B 75 13.08 -0.27 -5.06
N VAL B 76 13.95 0.65 -5.47
CA VAL B 76 13.51 1.79 -6.24
C VAL B 76 12.76 1.33 -7.51
N LYS B 77 11.69 2.04 -7.85
CA LYS B 77 10.85 1.70 -9.01
C LYS B 77 11.30 2.53 -10.21
N LEU B 78 11.47 1.86 -11.35
CA LEU B 78 11.69 2.55 -12.60
C LEU B 78 10.36 3.14 -13.05
N LEU B 79 10.32 4.46 -13.19
CA LEU B 79 9.15 5.15 -13.71
C LEU B 79 9.20 5.38 -15.21
N GLY B 80 10.39 5.31 -15.81
CA GLY B 80 10.55 5.42 -17.26
C GLY B 80 11.99 5.43 -17.72
N ALA B 81 12.23 4.83 -18.89
CA ALA B 81 13.55 4.81 -19.52
C ALA B 81 13.38 5.17 -20.99
N TYR B 82 14.10 6.21 -21.43
CA TYR B 82 13.94 6.79 -22.77
C TYR B 82 15.30 6.92 -23.47
N TYR B 83 15.33 6.69 -24.78
CA TYR B 83 16.50 7.00 -25.61
C TYR B 83 16.13 8.02 -26.71
N HIS B 84 16.58 9.26 -26.53
CA HIS B 84 16.17 10.40 -27.38
C HIS B 84 17.37 11.31 -27.59
N ASP B 85 17.59 11.71 -28.85
CA ASP B 85 18.86 12.30 -29.30
C ASP B 85 20.03 11.34 -28.97
N GLY B 86 21.09 11.82 -28.31
CA GLY B 86 22.23 10.98 -27.94
C GLY B 86 22.15 10.42 -26.53
N LYS B 87 21.17 10.90 -25.76
CA LYS B 87 21.10 10.66 -24.32
C LYS B 87 20.15 9.53 -23.93
N LEU B 88 20.54 8.79 -22.89
CA LEU B 88 19.68 7.81 -22.20
C LEU B 88 19.13 8.44 -20.93
N TRP B 89 17.81 8.48 -20.79
CA TRP B 89 17.15 9.03 -19.59
C TRP B 89 16.62 7.88 -18.74
N ILE B 90 16.99 7.86 -17.46
CA ILE B 90 16.46 6.89 -16.50
C ILE B 90 15.70 7.69 -15.46
N MET B 91 14.40 7.39 -15.31
CA MET B 91 13.51 8.09 -14.39
C MET B 91 13.18 7.12 -13.27
N ILE B 92 13.57 7.46 -12.05
CA ILE B 92 13.42 6.58 -10.89
C ILE B 92 12.55 7.24 -9.86
N GLU B 93 11.69 6.45 -9.21
CA GLU B 93 10.87 6.87 -8.06
C GLU B 93 11.66 7.79 -7.14
N PHE B 94 11.16 9.02 -6.95
CA PHE B 94 11.82 10.01 -6.10
C PHE B 94 11.75 9.54 -4.65
N CYS B 95 12.90 9.58 -3.97
CA CYS B 95 12.98 9.24 -2.56
C CYS B 95 13.28 10.51 -1.75
N PRO B 96 12.25 11.12 -1.14
CA PRO B 96 12.44 12.46 -0.56
C PRO B 96 13.32 12.52 0.68
N GLY B 97 13.43 11.40 1.41
CA GLY B 97 14.38 11.30 2.51
C GLY B 97 15.85 11.31 2.13
N GLY B 98 16.18 11.07 0.85
CA GLY B 98 17.57 10.96 0.40
C GLY B 98 18.30 9.74 0.96
N ALA B 99 19.62 9.72 0.80
CA ALA B 99 20.46 8.58 1.20
C ALA B 99 20.78 8.56 2.69
N VAL B 100 20.99 7.37 3.23
CA VAL B 100 21.29 7.22 4.65
C VAL B 100 22.64 7.84 5.02
N ASP B 101 23.62 7.79 4.12
CA ASP B 101 24.93 8.38 4.43
C ASP B 101 24.85 9.92 4.53
N ALA B 102 24.04 10.52 3.65
CA ALA B 102 23.80 11.96 3.65
C ALA B 102 23.07 12.42 4.91
N ILE B 103 22.19 11.58 5.45
CA ILE B 103 21.51 11.90 6.71
C ILE B 103 22.48 11.88 7.89
N MET B 104 23.36 10.89 7.94
CA MET B 104 24.34 10.81 9.02
C MET B 104 25.26 12.04 8.99
N LEU B 105 25.52 12.57 7.80
CA LEU B 105 26.34 13.75 7.61
C LEU B 105 25.63 14.99 8.13
N GLU B 106 24.40 15.23 7.67
CA GLU B 106 23.53 16.34 8.13
C GLU B 106 23.48 16.45 9.66
N LEU B 107 23.22 15.33 10.32
CA LEU B 107 23.07 15.29 11.79
C LEU B 107 24.38 15.07 12.55
N ASP B 108 25.51 14.99 11.83
CA ASP B 108 26.82 14.53 12.35
C ASP B 108 26.72 13.42 13.41
N ARG B 109 25.97 12.38 13.07
CA ARG B 109 25.93 11.18 13.91
C ARG B 109 25.54 9.91 13.14
N GLY B 110 25.84 8.79 13.76
CA GLY B 110 25.42 7.47 13.27
C GLY B 110 24.00 7.20 13.68
N LEU B 111 23.43 6.13 13.13
CA LEU B 111 22.09 5.70 13.51
C LEU B 111 22.15 4.97 14.83
N THR B 112 21.01 4.93 15.52
CA THR B 112 20.84 4.15 16.73
C THR B 112 20.57 2.70 16.34
N GLU B 113 20.72 1.79 17.28
CA GLU B 113 20.50 0.40 16.98
C GLU B 113 19.07 0.16 16.45
N PRO B 114 18.04 0.70 17.14
CA PRO B 114 16.68 0.52 16.63
C PRO B 114 16.47 0.98 15.19
N GLN B 115 17.06 2.11 14.82
CA GLN B 115 17.05 2.58 13.43
C GLN B 115 17.82 1.62 12.49
N ILE B 116 19.00 1.15 12.92
CA ILE B 116 19.77 0.17 12.16
C ILE B 116 18.98 -1.10 11.95
N GLN B 117 18.23 -1.50 12.98
CA GLN B 117 17.44 -2.74 12.90
C GLN B 117 16.37 -2.69 11.81
N VAL B 118 15.80 -1.51 11.60
CA VAL B 118 14.75 -1.32 10.58
C VAL B 118 15.38 -1.40 9.19
N VAL B 119 16.48 -0.67 9.02
CA VAL B 119 17.18 -0.66 7.75
C VAL B 119 17.61 -2.08 7.39
N CYS B 120 18.18 -2.77 8.38
CA CYS B 120 18.69 -4.13 8.19
C CYS B 120 17.59 -5.04 7.72
N ARG B 121 16.49 -5.07 8.49
CA ARG B 121 15.31 -5.86 8.18
C ARG B 121 14.82 -5.63 6.76
N GLN B 122 14.70 -4.36 6.39
CA GLN B 122 14.19 -4.02 5.07
C GLN B 122 15.21 -4.35 3.97
N MET B 123 16.49 -4.15 4.24
CA MET B 123 17.54 -4.53 3.29
C MET B 123 17.52 -6.03 3.08
N LEU B 124 17.40 -6.79 4.15
CA LEU B 124 17.35 -8.27 4.02
C LEU B 124 16.18 -8.77 3.19
N GLU B 125 15.00 -8.17 3.38
CA GLU B 125 13.82 -8.55 2.59
C GLU B 125 14.03 -8.23 1.13
N ALA B 126 14.58 -7.05 0.85
CA ALA B 126 14.91 -6.70 -0.52
C ALA B 126 15.93 -7.67 -1.14
N LEU B 127 16.97 -8.02 -0.40
CA LEU B 127 18.00 -8.93 -0.93
C LEU B 127 17.49 -10.33 -1.08
N ASN B 128 16.65 -10.78 -0.16
CA ASN B 128 16.00 -12.08 -0.31
C ASN B 128 15.20 -12.13 -1.62
N PHE B 129 14.45 -11.06 -1.87
CA PHE B 129 13.75 -10.91 -3.13
C PHE B 129 14.68 -10.94 -4.34
N LEU B 130 15.70 -10.09 -4.34
CA LEU B 130 16.64 -10.03 -5.47
C LEU B 130 17.36 -11.35 -5.69
N HIS B 131 17.84 -11.95 -4.61
CA HIS B 131 18.61 -13.18 -4.73
C HIS B 131 17.79 -14.36 -5.21
N SER B 132 16.52 -14.45 -4.77
CA SER B 132 15.57 -15.46 -5.27
C SER B 132 15.41 -15.38 -6.80
N LYS B 133 15.49 -14.17 -7.35
CA LYS B 133 15.53 -13.95 -8.81
C LYS B 133 16.93 -13.98 -9.47
N ARG B 134 17.95 -14.47 -8.75
CA ARG B 134 19.37 -14.44 -9.16
C ARG B 134 19.89 -13.05 -9.59
N ILE B 135 19.38 -12.00 -8.95
CA ILE B 135 19.89 -10.67 -9.16
C ILE B 135 20.80 -10.35 -7.97
N ILE B 136 22.02 -9.93 -8.27
CA ILE B 136 22.97 -9.54 -7.27
C ILE B 136 23.08 -8.03 -7.38
N HIS B 137 22.97 -7.32 -6.26
CA HIS B 137 22.97 -5.87 -6.26
C HIS B 137 24.34 -5.31 -6.62
N ARG B 138 25.37 -5.83 -5.95
CA ARG B 138 26.80 -5.57 -6.21
C ARG B 138 27.38 -4.31 -5.61
N ASP B 139 26.57 -3.33 -5.24
CA ASP B 139 27.10 -2.11 -4.62
C ASP B 139 26.31 -1.61 -3.43
N LEU B 140 26.07 -2.49 -2.45
CA LEU B 140 25.45 -2.07 -1.22
C LEU B 140 26.36 -1.19 -0.37
N LYS B 141 25.77 -0.12 0.16
CA LYS B 141 26.44 0.85 1.01
C LYS B 141 25.36 1.86 1.44
N ALA B 142 25.64 2.65 2.46
CA ALA B 142 24.61 3.57 2.97
C ALA B 142 24.17 4.60 1.92
N GLY B 143 25.09 4.96 1.04
CA GLY B 143 24.81 5.85 -0.09
C GLY B 143 23.80 5.34 -1.09
N ASN B 144 23.62 4.02 -1.18
CA ASN B 144 22.62 3.39 -2.04
C ASN B 144 21.40 2.86 -1.32
N VAL B 145 21.23 3.26 -0.08
CA VAL B 145 20.02 2.99 0.68
C VAL B 145 19.34 4.35 0.86
N LEU B 146 18.24 4.54 0.14
CA LEU B 146 17.51 5.80 0.12
C LEU B 146 16.25 5.66 0.93
N MET B 147 15.69 6.79 1.35
CA MET B 147 14.55 6.78 2.27
C MET B 147 13.32 7.52 1.76
N THR B 148 12.15 7.04 2.17
CA THR B 148 10.86 7.71 1.95
C THR B 148 10.54 8.56 3.19
N LEU B 149 9.52 9.42 3.10
CA LEU B 149 9.05 10.13 4.29
C LEU B 149 8.26 9.23 5.23
N GLU B 150 7.75 8.10 4.74
CA GLU B 150 7.03 7.16 5.56
C GLU B 150 7.97 6.24 6.37
N GLY B 151 9.29 6.44 6.25
CA GLY B 151 10.27 5.68 7.02
C GLY B 151 10.64 4.32 6.46
N ASP B 152 10.46 4.11 5.15
CA ASP B 152 10.93 2.90 4.48
C ASP B 152 12.21 3.20 3.70
N ILE B 153 12.97 2.15 3.40
CA ILE B 153 14.14 2.29 2.54
C ILE B 153 13.78 1.91 1.10
N ARG B 154 14.64 2.36 0.20
CA ARG B 154 14.67 1.89 -1.18
C ARG B 154 16.12 1.58 -1.51
N LEU B 155 16.38 0.33 -1.90
CA LEU B 155 17.68 -0.05 -2.45
C LEU B 155 17.81 0.57 -3.83
N ALA B 156 18.87 1.32 -4.06
CA ALA B 156 19.08 2.00 -5.34
C ALA B 156 20.38 1.56 -6.01
N ASP B 157 20.53 2.05 -7.24
CA ASP B 157 21.80 2.11 -7.97
C ASP B 157 22.21 0.83 -8.69
N PHE B 158 22.34 -0.28 -7.96
CA PHE B 158 22.66 -1.58 -8.58
C PHE B 158 23.92 -1.52 -9.45
N GLY B 159 24.78 -0.54 -9.17
CA GLY B 159 25.59 0.12 -10.22
C GLY B 159 26.56 -0.76 -10.96
N VAL B 160 27.35 -1.50 -10.18
CA VAL B 160 28.33 -2.46 -10.67
C VAL B 160 27.67 -3.59 -11.50
N SER B 161 26.47 -4.02 -11.10
CA SER B 161 25.81 -5.21 -11.69
C SER B 161 25.53 -5.09 -13.19
N ALA B 162 25.31 -3.86 -13.65
CA ALA B 162 25.23 -3.53 -15.09
C ALA B 162 26.51 -2.84 -15.63
N LYS B 163 27.09 -1.91 -14.85
CA LYS B 163 28.30 -1.18 -15.23
C LYS B 163 29.54 -1.91 -14.74
N THR B 177 36.28 2.73 -5.23
CA THR B 177 35.87 2.80 -3.82
C THR B 177 35.28 1.44 -3.31
N PRO B 178 36.17 0.53 -2.91
CA PRO B 178 35.84 -0.85 -2.63
C PRO B 178 35.68 -1.21 -1.13
N TYR B 179 35.28 -0.29 -0.24
CA TYR B 179 35.31 -0.57 1.20
C TYR B 179 34.30 -1.64 1.65
N TRP B 180 33.24 -1.81 0.87
CA TRP B 180 32.11 -2.68 1.21
C TRP B 180 32.23 -4.06 0.57
N MET B 181 33.32 -4.28 -0.17
CA MET B 181 33.46 -5.47 -1.01
C MET B 181 33.86 -6.69 -0.21
N ALA B 182 33.29 -7.83 -0.56
CA ALA B 182 33.58 -9.10 0.09
C ALA B 182 35.00 -9.53 -0.27
N PRO B 183 35.71 -10.18 0.64
CA PRO B 183 37.08 -10.56 0.51
C PRO B 183 37.33 -11.45 -0.70
N GLU B 184 36.39 -12.33 -1.01
CA GLU B 184 36.58 -13.27 -2.12
C GLU B 184 36.53 -12.61 -3.48
N VAL B 185 36.00 -11.41 -3.57
CA VAL B 185 35.92 -10.70 -4.83
C VAL B 185 36.58 -9.32 -4.84
N VAL B 186 37.33 -9.03 -3.80
CA VAL B 186 37.97 -7.73 -3.70
C VAL B 186 38.99 -7.46 -4.87
N MET B 187 39.65 -8.49 -5.40
CA MET B 187 40.59 -8.33 -6.52
C MET B 187 39.99 -8.47 -7.91
N CYS B 188 38.67 -8.64 -8.02
CA CYS B 188 38.04 -8.91 -9.29
C CYS B 188 37.54 -7.66 -9.96
N GLU B 189 37.67 -7.59 -11.29
CA GLU B 189 36.93 -6.64 -12.12
C GLU B 189 35.54 -7.22 -12.40
N THR B 190 35.47 -8.47 -12.86
CA THR B 190 34.19 -9.21 -13.00
C THR B 190 34.30 -10.51 -12.23
N MET B 191 33.16 -10.99 -11.73
CA MET B 191 33.12 -12.15 -10.86
C MET B 191 32.60 -13.37 -11.63
N LYS B 192 33.13 -14.55 -11.30
CA LYS B 192 32.65 -15.78 -11.89
C LYS B 192 31.23 -16.06 -11.49
N ASP B 193 30.50 -16.71 -12.39
CA ASP B 193 29.20 -17.24 -12.07
C ASP B 193 29.42 -18.51 -11.24
N THR B 194 29.08 -18.44 -9.95
CA THR B 194 29.17 -19.58 -9.03
C THR B 194 27.86 -19.64 -8.25
N PRO B 195 27.62 -20.72 -7.51
CA PRO B 195 26.43 -20.75 -6.65
C PRO B 195 26.50 -19.88 -5.38
N TYR B 196 27.65 -19.29 -5.07
CA TYR B 196 27.83 -18.48 -3.86
C TYR B 196 28.12 -17.04 -4.17
N ASP B 197 27.85 -16.66 -5.41
CA ASP B 197 28.13 -15.32 -5.86
C ASP B 197 27.27 -14.27 -5.18
N TYR B 198 26.00 -14.61 -4.92
CA TYR B 198 25.07 -13.68 -4.26
C TYR B 198 25.48 -13.38 -2.81
N LYS B 199 26.25 -14.29 -2.19
CA LYS B 199 26.72 -14.09 -0.84
C LYS B 199 27.62 -12.85 -0.69
N ALA B 200 28.18 -12.36 -1.79
CA ALA B 200 28.93 -11.11 -1.73
C ALA B 200 28.08 -9.96 -1.20
N ASP B 201 26.81 -9.89 -1.58
CA ASP B 201 25.89 -8.88 -1.07
C ASP B 201 25.71 -8.93 0.44
N ILE B 202 25.74 -10.13 1.00
CA ILE B 202 25.55 -10.30 2.43
C ILE B 202 26.72 -9.74 3.23
N TRP B 203 27.97 -9.97 2.79
CA TRP B 203 29.12 -9.29 3.40
C TRP B 203 28.95 -7.78 3.35
N SER B 204 28.62 -7.25 2.18
CA SER B 204 28.38 -5.80 2.00
C SER B 204 27.27 -5.23 2.87
N LEU B 205 26.21 -6.02 3.09
CA LEU B 205 25.18 -5.65 4.08
C LEU B 205 25.80 -5.46 5.45
N GLY B 206 26.61 -6.42 5.87
CA GLY B 206 27.35 -6.34 7.14
C GLY B 206 28.18 -5.07 7.29
N ILE B 207 28.89 -4.71 6.23
CA ILE B 207 29.76 -3.55 6.26
C ILE B 207 28.89 -2.29 6.34
N THR B 208 27.81 -2.28 5.57
CA THR B 208 26.84 -1.19 5.60
C THR B 208 26.28 -0.99 7.01
N LEU B 209 26.05 -2.06 7.75
CA LEU B 209 25.60 -1.91 9.13
C LEU B 209 26.65 -1.26 10.02
N ILE B 210 27.92 -1.62 9.85
CA ILE B 210 28.98 -0.97 10.61
C ILE B 210 29.06 0.50 10.20
N GLU B 211 28.92 0.77 8.89
CA GLU B 211 28.96 2.15 8.39
C GLU B 211 27.83 3.00 9.02
N MET B 212 26.65 2.41 9.16
CA MET B 212 25.52 3.11 9.76
CA MET B 212 25.52 3.12 9.75
C MET B 212 25.73 3.35 11.24
N ALA B 213 26.39 2.39 11.90
CA ALA B 213 26.74 2.51 13.30
C ALA B 213 27.81 3.56 13.57
N GLN B 214 28.79 3.70 12.68
CA GLN B 214 30.00 4.48 12.94
C GLN B 214 30.27 5.61 11.96
N ILE B 215 29.31 5.87 11.06
CA ILE B 215 29.40 6.88 10.00
C ILE B 215 30.24 6.46 8.80
N GLU B 216 31.41 5.86 9.03
CA GLU B 216 32.34 5.44 7.98
C GLU B 216 32.52 3.91 8.01
N PRO B 217 32.81 3.31 6.84
CA PRO B 217 33.08 1.85 6.84
C PRO B 217 34.46 1.55 7.44
N PRO B 218 34.74 0.28 7.79
CA PRO B 218 36.08 -0.06 8.21
C PRO B 218 37.13 0.29 7.14
N HIS B 219 38.32 0.62 7.60
CA HIS B 219 39.45 0.95 6.71
C HIS B 219 39.25 2.24 5.90
N HIS B 220 38.33 3.10 6.33
CA HIS B 220 38.00 4.30 5.55
C HIS B 220 39.20 5.24 5.38
N GLU B 221 40.13 5.18 6.31
CA GLU B 221 41.34 6.02 6.30
C GLU B 221 42.36 5.64 5.21
N LEU B 222 42.25 4.41 4.69
CA LEU B 222 43.21 3.90 3.74
C LEU B 222 42.80 4.25 2.34
N ASN B 223 43.79 4.40 1.45
CA ASN B 223 43.48 4.58 0.04
C ASN B 223 42.86 3.25 -0.59
N PRO B 224 42.10 3.38 -1.69
CA PRO B 224 41.37 2.25 -2.34
C PRO B 224 42.20 1.03 -2.72
N MET B 225 43.39 1.25 -3.24
CA MET B 225 44.31 0.16 -3.55
C MET B 225 44.75 -0.62 -2.30
N ARG B 226 45.13 0.12 -1.26
CA ARG B 226 45.55 -0.46 0.02
C ARG B 226 44.41 -1.20 0.70
N VAL B 227 43.21 -0.69 0.54
CA VAL B 227 42.07 -1.35 1.16
C VAL B 227 41.78 -2.77 0.61
N LEU B 228 42.08 -3.02 -0.67
CA LEU B 228 41.80 -4.32 -1.30
C LEU B 228 42.53 -5.41 -0.53
N LEU B 229 43.81 -5.17 -0.30
CA LEU B 229 44.66 -6.06 0.44
C LEU B 229 44.25 -6.17 1.91
N LYS B 230 43.91 -5.05 2.50
CA LYS B 230 43.48 -5.05 3.89
C LYS B 230 42.21 -5.93 4.11
N ILE B 231 41.26 -5.79 3.21
CA ILE B 231 40.06 -6.61 3.26
C ILE B 231 40.39 -8.12 3.10
N ALA B 232 41.22 -8.43 2.10
CA ALA B 232 41.60 -9.82 1.80
C ALA B 232 42.30 -10.49 2.97
N LYS B 233 43.19 -9.76 3.64
CA LYS B 233 44.00 -10.34 4.70
C LYS B 233 43.43 -10.25 6.12
N SER B 234 42.62 -9.26 6.47
CA SER B 234 42.29 -9.04 7.87
C SER B 234 41.21 -10.02 8.32
N ASP B 235 41.16 -10.23 9.64
CA ASP B 235 39.98 -10.78 10.28
C ASP B 235 38.79 -9.88 9.97
N PRO B 236 37.57 -10.46 9.95
CA PRO B 236 36.38 -9.64 9.72
C PRO B 236 36.29 -8.46 10.70
N PRO B 237 35.88 -7.29 10.21
CA PRO B 237 35.76 -6.13 11.10
C PRO B 237 34.64 -6.32 12.16
N THR B 238 34.80 -5.71 13.32
CA THR B 238 33.85 -5.75 14.42
C THR B 238 33.58 -4.31 14.82
N LEU B 239 32.53 -4.11 15.60
CA LEU B 239 32.16 -2.78 16.05
C LEU B 239 33.28 -2.20 16.93
N LEU B 240 33.57 -0.92 16.73
CA LEU B 240 34.63 -0.23 17.45
C LEU B 240 34.40 -0.20 18.97
N THR B 241 33.15 0.05 19.38
CA THR B 241 32.80 0.18 20.80
C THR B 241 31.65 -0.78 21.14
N PRO B 242 31.98 -2.06 21.42
CA PRO B 242 30.97 -3.10 21.63
C PRO B 242 29.91 -2.78 22.71
N SER B 243 30.33 -2.08 23.77
CA SER B 243 29.45 -1.67 24.87
C SER B 243 28.18 -0.94 24.42
N LYS B 244 28.29 -0.12 23.38
CA LYS B 244 27.15 0.66 22.85
C LYS B 244 26.06 -0.20 22.24
N TRP B 245 26.36 -1.46 21.95
CA TRP B 245 25.56 -2.27 21.06
C TRP B 245 25.16 -3.54 21.75
N SER B 246 23.97 -4.03 21.43
CA SER B 246 23.48 -5.29 21.95
C SER B 246 24.31 -6.48 21.50
N VAL B 247 24.08 -7.59 22.17
CA VAL B 247 24.72 -8.87 21.85
C VAL B 247 24.17 -9.42 20.53
N GLU B 248 22.91 -9.08 20.24
CA GLU B 248 22.27 -9.47 19.01
C GLU B 248 22.95 -8.80 17.79
N PHE B 249 23.20 -7.50 17.89
CA PHE B 249 23.82 -6.75 16.82
C PHE B 249 25.21 -7.35 16.54
N ARG B 250 26.01 -7.54 17.59
CA ARG B 250 27.37 -8.07 17.43
C ARG B 250 27.40 -9.50 16.91
N ASP B 251 26.47 -10.31 17.40
CA ASP B 251 26.34 -11.67 16.87
C ASP B 251 25.88 -11.69 15.40
N PHE B 252 24.97 -10.80 15.04
CA PHE B 252 24.50 -10.71 13.65
C PHE B 252 25.67 -10.37 12.71
N LEU B 253 26.45 -9.35 13.07
CA LEU B 253 27.65 -8.98 12.30
C LEU B 253 28.64 -10.12 12.18
N LYS B 254 28.87 -10.80 13.30
CA LYS B 254 29.82 -11.91 13.35
C LYS B 254 29.48 -12.99 12.37
N ILE B 255 28.19 -13.33 12.26
CA ILE B 255 27.79 -14.39 11.34
C ILE B 255 27.70 -13.88 9.89
N ALA B 256 27.28 -12.62 9.69
CA ALA B 256 27.19 -12.08 8.33
C ALA B 256 28.57 -11.85 7.72
N LEU B 257 29.52 -11.39 8.53
CA LEU B 257 30.88 -11.05 8.06
C LEU B 257 31.82 -12.25 8.17
N ASP B 258 31.46 -13.30 7.46
CA ASP B 258 32.17 -14.55 7.44
C ASP B 258 32.97 -14.47 6.16
N LYS B 259 34.29 -14.66 6.27
CA LYS B 259 35.17 -14.54 5.08
C LYS B 259 34.94 -15.63 4.03
N ASN B 260 34.45 -16.79 4.48
CA ASN B 260 34.09 -17.89 3.59
C ASN B 260 32.68 -17.70 3.00
N PRO B 261 32.56 -17.54 1.68
CA PRO B 261 31.23 -17.27 1.14
C PRO B 261 30.26 -18.46 1.18
N GLU B 262 30.77 -19.67 1.34
CA GLU B 262 29.94 -20.88 1.43
C GLU B 262 29.20 -20.92 2.77
N THR B 263 29.89 -20.65 3.87
CA THR B 263 29.28 -20.70 5.17
C THR B 263 28.59 -19.38 5.55
N ARG B 264 28.87 -18.28 4.86
CA ARG B 264 28.16 -17.01 5.09
C ARG B 264 26.67 -17.22 4.85
N PRO B 265 25.81 -16.73 5.75
CA PRO B 265 24.39 -17.02 5.60
C PRO B 265 23.70 -16.25 4.48
N SER B 266 22.58 -16.77 4.02
CA SER B 266 21.75 -16.12 3.03
C SER B 266 20.92 -15.04 3.75
N ALA B 267 20.30 -14.17 2.97
CA ALA B 267 19.39 -13.17 3.51
C ALA B 267 18.21 -13.85 4.27
N ALA B 268 17.67 -14.93 3.72
CA ALA B 268 16.56 -15.66 4.35
C ALA B 268 16.98 -16.17 5.74
N GLN B 269 18.17 -16.75 5.84
CA GLN B 269 18.67 -17.21 7.13
C GLN B 269 18.89 -16.06 8.11
N LEU B 270 19.34 -14.89 7.62
CA LEU B 270 19.54 -13.74 8.52
C LEU B 270 18.23 -13.09 8.99
N LEU B 271 17.16 -13.22 8.20
CA LEU B 271 15.83 -12.76 8.64
C LEU B 271 15.30 -13.49 9.90
N GLU B 272 15.73 -14.73 10.08
CA GLU B 272 15.46 -15.52 11.28
C GLU B 272 16.34 -15.22 12.49
N HIS B 273 17.22 -14.23 12.39
CA HIS B 273 18.13 -13.90 13.47
C HIS B 273 17.45 -12.87 14.38
N PRO B 274 17.64 -12.97 15.71
CA PRO B 274 16.97 -12.12 16.71
C PRO B 274 17.10 -10.62 16.53
N PHE B 275 18.21 -10.19 15.94
CA PHE B 275 18.46 -8.78 15.64
C PHE B 275 17.36 -8.17 14.82
N VAL B 276 16.75 -8.97 13.93
CA VAL B 276 15.74 -8.45 13.01
C VAL B 276 14.43 -9.24 12.95
N SER B 277 14.37 -10.45 13.47
CA SER B 277 13.23 -11.33 13.24
C SER B 277 11.89 -10.81 13.83
N SER B 278 11.97 -9.97 14.88
CA SER B 278 10.81 -9.35 15.51
C SER B 278 10.50 -7.93 15.04
N ILE B 279 11.24 -7.43 14.04
CA ILE B 279 11.06 -6.05 13.60
C ILE B 279 9.84 -6.02 12.66
N THR B 280 8.79 -5.32 13.09
CA THR B 280 7.55 -5.16 12.29
C THR B 280 7.11 -3.70 12.07
N SER B 281 7.78 -2.73 12.71
CA SER B 281 7.43 -1.33 12.60
C SER B 281 8.63 -0.52 12.14
N ASN B 282 8.40 0.42 11.24
CA ASN B 282 9.44 1.32 10.75
C ASN B 282 9.51 2.63 11.54
N LYS B 283 8.98 2.62 12.77
CA LYS B 283 8.77 3.84 13.56
C LYS B 283 10.09 4.56 13.72
N ALA B 284 11.10 3.81 14.19
CA ALA B 284 12.43 4.37 14.44
C ALA B 284 13.01 5.08 13.22
N LEU B 285 12.77 4.53 12.03
CA LEU B 285 13.20 5.19 10.78
C LEU B 285 12.39 6.43 10.44
N ARG B 286 11.08 6.39 10.70
CA ARG B 286 10.25 7.57 10.51
C ARG B 286 10.68 8.71 11.42
N GLU B 287 10.94 8.41 12.69
CA GLU B 287 11.46 9.40 13.63
C GLU B 287 12.78 10.02 13.14
N LEU B 288 13.63 9.18 12.54
CA LEU B 288 14.90 9.64 12.00
C LEU B 288 14.73 10.64 10.86
N VAL B 289 13.87 10.32 9.89
CA VAL B 289 13.64 11.17 8.72
C VAL B 289 12.91 12.47 9.11
N ALA B 290 11.98 12.38 10.07
CA ALA B 290 11.29 13.55 10.61
C ALA B 290 12.28 14.61 11.10
N GLU B 291 13.27 14.16 11.86
CA GLU B 291 14.31 15.03 12.41
C GLU B 291 15.21 15.70 11.35
N ALA B 292 15.54 14.99 10.27
CA ALA B 292 16.36 15.54 9.19
C ALA B 292 15.60 16.51 8.26
N LYS B 293 14.27 16.39 8.20
CA LYS B 293 13.42 17.37 7.48
C LYS B 293 13.38 18.69 8.26
N ALA B 294 13.13 18.60 9.58
CA ALA B 294 13.24 19.74 10.49
C ALA B 294 14.70 20.14 10.69
CAA DB8 C . -20.76 9.39 8.94
O02 DB8 C . -27.10 2.98 10.47
CAC DB8 C . -16.16 10.31 12.41
NAD DB8 C . -23.37 1.25 9.94
CL1 DB8 C . -27.98 2.11 7.89
CL2 DB8 C . -23.26 3.99 6.19
CAG DB8 C . -22.73 2.14 10.29
CAH DB8 C . -20.91 2.93 11.71
CAI DB8 C . -25.59 3.12 7.19
CAJ DB8 C . -24.98 3.90 9.79
CAK DB8 C . -19.11 6.01 11.96
CAL DB8 C . -20.94 6.76 9.99
CAM DB8 C . -16.05 8.84 12.70
CAN DB8 C . -17.37 8.18 12.94
CAO DB8 C . -11.43 13.31 11.64
CAP DB8 C . -15.03 12.42 12.20
CAQ DB8 C . -13.71 10.42 12.37
CAR DB8 C . -13.83 13.14 11.63
CAS DB8 C . -12.52 11.17 11.82
NAT DB8 C . -20.04 3.83 12.11
NAU DB8 C . -22.85 4.74 9.07
OAV DB8 C . -19.83 8.92 9.96
OAW DB8 C . -18.12 8.23 11.72
CAX DB8 C . -26.18 3.27 9.53
CAY DB8 C . -26.48 2.89 8.21
CAZ DB8 C . -24.40 3.74 7.48
CBA DB8 C . -21.87 3.22 10.71
CBB DB8 C . -24.07 4.13 8.78
CBC DB8 C . -19.97 7.64 10.41
CBD DB8 C . -19.05 7.26 11.41
CBE DB8 C . -21.92 4.50 10.12
CBF DB8 C . -20.07 5.08 11.53
CBG DB8 C . -21.00 5.45 10.52
NBH DB8 C . -14.97 10.99 11.86
NBI DB8 C . -12.59 12.59 12.15
C01 DB8 C . -26.71 3.14 11.86
CL CL D . -25.81 8.16 -22.72
C1 EDO E . -5.75 -9.54 4.44
O1 EDO E . -7.10 -9.82 4.86
C2 EDO E . -5.53 -8.05 4.16
O2 EDO E . -5.96 -7.24 5.27
CAA DB8 F . 21.01 12.80 -3.53
O02 DB8 F . 19.40 7.38 -11.51
CAC DB8 F . 17.09 15.67 -0.95
NAD DB8 F . 17.52 5.94 -7.76
CL1 DB8 F . 21.13 5.10 -11.24
CL2 DB8 F . 21.47 6.54 -6.09
CAG DB8 F . 17.43 6.91 -7.18
CAH DB8 F . 16.02 8.37 -5.81
CAI DB8 F . 21.19 5.96 -8.69
CAJ DB8 F . 19.48 8.12 -9.19
CAK DB8 F . 16.58 11.48 -4.09
CAL DB8 F . 19.13 11.13 -5.18
CAM DB8 F . 16.36 14.37 -1.13
CAN DB8 F . 16.15 13.98 -2.58
CAO DB8 F . 17.97 17.85 4.20
CAP DB8 F . 18.06 17.36 0.47
CAQ DB8 F . 16.53 15.77 1.43
CAR DB8 F . 18.56 17.69 1.87
CAS DB8 F . 17.04 16.12 2.80
NAT DB8 F . 15.80 9.45 -5.08
NAU DB8 F . 19.63 8.74 -6.83
OAV DB8 F . 19.76 13.21 -4.10
OAW DB8 F . 17.42 13.56 -3.09
CAX DB8 F . 19.83 7.24 -10.22
CAY DB8 F . 20.69 6.18 -9.96
CAZ DB8 F . 20.83 6.82 -7.67
CBA DB8 F . 17.28 8.12 -6.41
CBB DB8 F . 19.98 7.89 -7.90
CBC DB8 F . 18.86 12.23 -4.41
CBD DB8 F . 17.57 12.41 -3.86
CBE DB8 F . 18.35 9.02 -6.22
CBF DB8 F . 16.84 10.34 -4.89
CBG DB8 F . 18.14 10.16 -5.44
NBH DB8 F . 17.57 15.97 0.41
NBI DB8 F . 17.50 17.50 2.86
C01 DB8 F . 18.18 8.10 -11.72
#